data_5FU5
#
_entry.id   5FU5
#
_cell.length_a   69.908
_cell.length_b   69.908
_cell.length_c   123.064
_cell.angle_alpha   90.00
_cell.angle_beta   90.00
_cell.angle_gamma   120.00
#
_symmetry.space_group_name_H-M   'P 61 2 2'
#
loop_
_entity.id
_entity.type
_entity.pdbx_description
1 polymer CBM77-RFPL
2 water water
#
_entity_poly.entity_id   1
_entity_poly.type   'polypeptide(L)'
_entity_poly.pdbx_seq_one_letter_code
;MGPVAGNYVHDFTANGTSSSFYTIAGNLSTSKGTATYNGKTLTQCLKMETATSISFTAPSAGKLTLVFAEAAATAKVDGN
KVTASNGIITVDLAQGAHTITKADACNLFYMEYAALEHHHHHH
;
_entity_poly.pdbx_strand_id   A
#
# COMPACT_ATOMS: atom_id res chain seq x y z
N GLY A 2 -17.77 13.14 0.95
CA GLY A 2 -18.02 12.55 2.29
C GLY A 2 -17.17 13.22 3.34
N PRO A 3 -16.98 12.58 4.51
CA PRO A 3 -16.15 13.17 5.50
C PRO A 3 -14.65 12.81 5.32
N VAL A 4 -14.20 12.31 4.15
CA VAL A 4 -12.74 12.27 3.84
C VAL A 4 -12.17 13.69 3.56
N ALA A 5 -11.06 13.99 4.21
CA ALA A 5 -10.37 15.27 4.06
C ALA A 5 -9.22 15.14 3.06
N GLY A 6 -8.51 14.03 3.07
CA GLY A 6 -7.30 13.89 2.29
C GLY A 6 -7.15 12.49 1.81
N ASN A 7 -6.77 12.33 0.54
CA ASN A 7 -6.46 11.01 -0.03
C ASN A 7 -5.00 11.11 -0.48
N TYR A 8 -4.13 10.36 0.19
CA TYR A 8 -2.69 10.38 -0.05
C TYR A 8 -2.36 9.13 -0.84
N VAL A 9 -1.98 9.31 -2.10
CA VAL A 9 -1.91 8.26 -3.09
CA VAL A 9 -1.91 8.21 -3.03
C VAL A 9 -0.47 8.03 -3.52
N HIS A 10 -0.11 6.77 -3.78
CA HIS A 10 1.15 6.46 -4.39
C HIS A 10 0.99 5.39 -5.45
N ASP A 11 1.38 5.76 -6.68
CA ASP A 11 1.33 4.89 -7.83
C ASP A 11 2.77 4.48 -8.12
N PHE A 12 3.09 3.20 -7.91
CA PHE A 12 4.45 2.73 -8.11
C PHE A 12 4.95 2.72 -9.56
N THR A 13 4.03 2.69 -10.51
CA THR A 13 4.40 2.80 -11.93
C THR A 13 4.78 4.24 -12.29
N ALA A 14 3.96 5.21 -11.90
CA ALA A 14 4.23 6.61 -12.25
C ALA A 14 5.40 7.19 -11.49
N ASN A 15 5.56 6.79 -10.21
CA ASN A 15 6.43 7.50 -9.29
C ASN A 15 7.45 6.63 -8.56
N GLY A 16 7.53 5.35 -8.91
CA GLY A 16 8.61 4.52 -8.34
C GLY A 16 8.53 4.48 -6.83
N THR A 17 9.63 4.80 -6.17
CA THR A 17 9.66 4.90 -4.71
C THR A 17 9.63 6.32 -4.17
N SER A 18 9.33 7.30 -5.03
CA SER A 18 9.36 8.72 -4.65
C SER A 18 8.03 9.18 -4.04
N SER A 19 8.08 9.74 -2.84
CA SER A 19 6.90 10.25 -2.14
C SER A 19 7.30 11.16 -1.00
N SER A 20 6.52 12.24 -0.76
CA SER A 20 6.71 13.05 0.45
C SER A 20 5.96 12.45 1.64
N PHE A 21 4.82 11.81 1.37
CA PHE A 21 3.95 11.28 2.43
C PHE A 21 4.45 9.90 2.91
N TYR A 22 4.77 9.02 1.97
CA TYR A 22 5.28 7.69 2.28
C TYR A 22 6.78 7.67 2.23
N THR A 23 7.40 7.04 3.20
CA THR A 23 8.84 6.76 3.17
C THR A 23 9.01 5.31 2.78
N ILE A 24 9.45 5.08 1.55
CA ILE A 24 9.48 3.75 0.95
C ILE A 24 10.89 3.25 0.89
N ALA A 25 11.14 2.10 1.53
CA ALA A 25 12.39 1.39 1.47
C ALA A 25 12.17 0.04 0.81
N GLY A 26 12.63 -0.08 -0.42
CA GLY A 26 12.50 -1.33 -1.15
C GLY A 26 12.81 -1.15 -2.63
N ASN A 27 12.50 -2.20 -3.38
CA ASN A 27 12.95 -2.42 -4.73
C ASN A 27 11.82 -2.66 -5.70
N LEU A 28 11.93 -1.98 -6.84
CA LEU A 28 10.94 -2.04 -7.88
C LEU A 28 11.15 -3.18 -8.86
N SER A 29 10.04 -3.64 -9.47
CA SER A 29 10.14 -4.65 -10.52
C SER A 29 9.02 -4.47 -11.58
N THR A 30 9.32 -4.90 -12.81
CA THR A 30 8.34 -5.02 -13.86
C THR A 30 8.19 -6.47 -14.32
N SER A 31 8.64 -7.41 -13.50
CA SER A 31 8.65 -8.83 -13.85
CA SER A 31 8.63 -8.84 -13.87
C SER A 31 7.62 -9.66 -13.08
N LYS A 32 6.70 -8.98 -12.40
CA LYS A 32 5.78 -9.62 -11.48
C LYS A 32 4.33 -9.49 -11.91
N GLY A 33 4.11 -9.30 -13.21
CA GLY A 33 2.75 -9.20 -13.72
C GLY A 33 2.19 -7.82 -13.55
N THR A 34 0.86 -7.74 -13.62
CA THR A 34 0.14 -6.51 -13.53
C THR A 34 -0.91 -6.52 -12.44
N ALA A 35 -1.38 -5.32 -12.11
CA ALA A 35 -2.60 -5.16 -11.31
C ALA A 35 -3.52 -4.22 -12.03
N THR A 36 -4.82 -4.53 -12.02
CA THR A 36 -5.84 -3.78 -12.70
C THR A 36 -6.69 -3.16 -11.58
N TYR A 37 -6.74 -1.85 -11.55
CA TYR A 37 -7.41 -1.11 -10.47
C TYR A 37 -8.04 0.16 -10.95
N ASN A 38 -9.35 0.31 -10.68
CA ASN A 38 -10.12 1.46 -11.20
C ASN A 38 -9.82 1.82 -12.66
N GLY A 39 -9.81 0.79 -13.50
CA GLY A 39 -9.61 0.93 -14.92
C GLY A 39 -8.16 1.15 -15.37
N LYS A 40 -7.24 1.30 -14.42
CA LYS A 40 -5.82 1.48 -14.74
C LYS A 40 -5.17 0.11 -14.70
N THR A 41 -4.27 -0.15 -15.66
CA THR A 41 -3.39 -1.31 -15.66
C THR A 41 -2.02 -0.88 -15.22
N LEU A 42 -1.59 -1.37 -14.06
CA LEU A 42 -0.36 -1.01 -13.41
C LEU A 42 0.68 -2.10 -13.62
N THR A 43 1.92 -1.72 -13.84
CA THR A 43 2.96 -2.66 -14.31
C THR A 43 4.25 -2.72 -13.52
N GLN A 44 4.55 -1.67 -12.74
CA GLN A 44 5.77 -1.63 -11.94
C GLN A 44 5.37 -1.67 -10.49
N CYS A 45 5.89 -2.69 -9.75
CA CYS A 45 5.55 -2.87 -8.35
C CYS A 45 6.73 -2.67 -7.43
N LEU A 46 6.39 -2.54 -6.13
CA LEU A 46 7.33 -2.72 -5.04
C LEU A 46 7.24 -4.22 -4.64
N LYS A 47 8.36 -4.90 -4.75
CA LYS A 47 8.43 -6.30 -4.30
C LYS A 47 8.31 -6.32 -2.79
N MET A 48 7.48 -7.22 -2.24
CA MET A 48 7.40 -7.34 -0.79
CA MET A 48 7.39 -7.35 -0.79
C MET A 48 8.46 -8.31 -0.31
N GLU A 49 9.61 -7.76 0.09
CA GLU A 49 10.76 -8.56 0.49
C GLU A 49 11.04 -8.40 1.98
N THR A 50 11.97 -9.22 2.47
CA THR A 50 12.27 -9.21 3.90
C THR A 50 12.58 -7.83 4.46
N ALA A 51 13.35 -7.04 3.71
CA ALA A 51 13.84 -5.76 4.18
C ALA A 51 12.95 -4.58 3.79
N THR A 52 11.81 -4.88 3.18
CA THR A 52 10.94 -3.81 2.64
C THR A 52 10.11 -3.16 3.73
N SER A 53 9.99 -1.83 3.66
CA SER A 53 9.11 -1.11 4.58
C SER A 53 8.58 0.15 3.97
N ILE A 54 7.36 0.45 4.33
CA ILE A 54 6.73 1.74 3.96
C ILE A 54 6.21 2.35 5.25
N SER A 55 6.71 3.55 5.58
CA SER A 55 6.26 4.29 6.73
CA SER A 55 6.23 4.28 6.73
C SER A 55 5.51 5.55 6.33
N PHE A 56 4.58 5.96 7.16
CA PHE A 56 3.84 7.21 7.01
C PHE A 56 3.20 7.57 8.32
N THR A 57 2.82 8.83 8.44
CA THR A 57 2.08 9.36 9.56
C THR A 57 0.68 9.75 9.09
N ALA A 58 -0.32 9.02 9.57
CA ALA A 58 -1.71 9.33 9.30
C ALA A 58 -2.04 10.61 10.02
N PRO A 59 -2.51 11.64 9.29
CA PRO A 59 -2.85 12.90 9.97
C PRO A 59 -4.17 12.89 10.76
N SER A 60 -5.01 11.87 10.44
CA SER A 60 -6.23 11.58 11.12
C SER A 60 -6.58 10.13 10.88
N ALA A 61 -7.58 9.62 11.62
CA ALA A 61 -8.02 8.25 11.41
C ALA A 61 -8.63 8.12 10.01
N GLY A 62 -8.65 6.92 9.50
CA GLY A 62 -9.03 6.68 8.12
C GLY A 62 -8.76 5.27 7.67
N LYS A 63 -8.54 5.11 6.37
CA LYS A 63 -8.48 3.81 5.75
C LYS A 63 -7.31 3.73 4.81
N LEU A 64 -6.50 2.70 4.97
CA LEU A 64 -5.44 2.35 4.07
C LEU A 64 -5.90 1.30 3.05
N THR A 65 -5.65 1.54 1.75
CA THR A 65 -5.88 0.59 0.70
C THR A 65 -4.59 0.26 0.00
N LEU A 66 -4.33 -1.03 -0.17
CA LEU A 66 -3.10 -1.59 -0.79
C LEU A 66 -3.53 -2.51 -1.91
N VAL A 67 -2.99 -2.31 -3.12
CA VAL A 67 -3.43 -3.08 -4.30
C VAL A 67 -2.25 -3.89 -4.84
N PHE A 68 -2.43 -5.22 -4.90
CA PHE A 68 -1.41 -6.18 -5.32
C PHE A 68 -1.79 -6.88 -6.65
N ALA A 69 -0.82 -7.57 -7.26
CA ALA A 69 -1.12 -8.49 -8.38
C ALA A 69 -1.90 -9.73 -7.92
N GLU A 70 -1.57 -10.18 -6.71
CA GLU A 70 -2.02 -11.48 -6.21
C GLU A 70 -3.38 -11.34 -5.48
N ALA A 71 -4.36 -12.17 -5.84
CA ALA A 71 -5.70 -12.08 -5.28
C ALA A 71 -5.69 -12.18 -3.73
N ALA A 72 -4.89 -13.10 -3.21
CA ALA A 72 -4.73 -13.33 -1.76
C ALA A 72 -3.39 -12.87 -1.17
N ALA A 73 -2.92 -11.75 -1.68
CA ALA A 73 -1.75 -11.07 -1.15
C ALA A 73 -1.88 -10.78 0.35
N THR A 74 -0.74 -10.62 0.99
CA THR A 74 -0.68 -10.35 2.41
C THR A 74 0.31 -9.24 2.69
N ALA A 75 0.18 -8.65 3.85
CA ALA A 75 1.17 -7.70 4.38
C ALA A 75 1.02 -7.60 5.90
N LYS A 76 2.03 -7.03 6.54
CA LYS A 76 1.91 -6.65 7.94
C LYS A 76 1.73 -5.16 8.01
N VAL A 77 0.77 -4.72 8.80
CA VAL A 77 0.58 -3.31 9.07
C VAL A 77 0.74 -3.14 10.58
N ASP A 78 1.75 -2.36 11.00
CA ASP A 78 2.13 -2.23 12.37
C ASP A 78 2.36 -3.60 13.04
N GLY A 79 2.98 -4.51 12.28
CA GLY A 79 3.30 -5.85 12.75
C GLY A 79 2.19 -6.87 12.72
N ASN A 80 0.98 -6.47 12.31
CA ASN A 80 -0.18 -7.36 12.22
C ASN A 80 -0.43 -7.80 10.78
N LYS A 81 -0.48 -9.13 10.56
CA LYS A 81 -0.79 -9.69 9.23
C LYS A 81 -2.24 -9.38 8.83
N VAL A 82 -2.36 -8.95 7.59
CA VAL A 82 -3.66 -8.70 6.94
CA VAL A 82 -3.66 -8.70 6.94
C VAL A 82 -3.62 -9.36 5.55
N THR A 83 -4.76 -9.87 5.10
CA THR A 83 -4.91 -10.60 3.82
C THR A 83 -5.88 -9.85 2.91
N ALA A 84 -5.49 -9.81 1.63
CA ALA A 84 -6.29 -9.19 0.58
C ALA A 84 -7.53 -10.00 0.22
N SER A 85 -8.51 -9.27 -0.34
CA SER A 85 -9.66 -9.86 -1.02
CA SER A 85 -9.66 -9.86 -1.02
C SER A 85 -9.61 -9.35 -2.46
N ASN A 86 -9.51 -10.27 -3.41
CA ASN A 86 -9.38 -9.88 -4.84
C ASN A 86 -8.29 -8.88 -5.09
N GLY A 87 -7.17 -9.09 -4.42
CA GLY A 87 -5.97 -8.32 -4.64
C GLY A 87 -5.89 -7.02 -3.86
N ILE A 88 -6.89 -6.72 -3.03
CA ILE A 88 -6.98 -5.45 -2.32
C ILE A 88 -6.98 -5.71 -0.79
N ILE A 89 -6.02 -5.10 -0.07
CA ILE A 89 -6.04 -5.03 1.37
C ILE A 89 -6.61 -3.70 1.79
N THR A 90 -7.55 -3.71 2.73
CA THR A 90 -8.01 -2.49 3.38
C THR A 90 -7.81 -2.64 4.87
N VAL A 91 -7.33 -1.59 5.48
CA VAL A 91 -7.07 -1.56 6.92
CA VAL A 91 -7.15 -1.58 6.91
C VAL A 91 -7.48 -0.20 7.45
N ASP A 92 -8.30 -0.17 8.49
CA ASP A 92 -8.67 1.03 9.14
C ASP A 92 -7.63 1.36 10.20
N LEU A 93 -7.20 2.62 10.24
CA LEU A 93 -6.11 3.10 11.05
C LEU A 93 -6.43 4.36 11.85
N ALA A 94 -5.82 4.46 13.02
CA ALA A 94 -5.88 5.67 13.82
C ALA A 94 -4.83 6.69 13.36
N GLN A 95 -4.98 7.92 13.82
CA GLN A 95 -3.95 8.95 13.60
C GLN A 95 -2.63 8.43 14.15
N GLY A 96 -1.53 8.80 13.48
CA GLY A 96 -0.19 8.51 13.99
C GLY A 96 0.63 7.70 13.05
N ALA A 97 1.80 7.31 13.54
CA ALA A 97 2.81 6.63 12.71
C ALA A 97 2.39 5.20 12.44
N HIS A 98 2.57 4.78 11.18
CA HIS A 98 2.31 3.39 10.75
C HIS A 98 3.42 2.88 9.85
N THR A 99 3.53 1.56 9.78
CA THR A 99 4.55 0.89 8.98
CA THR A 99 4.53 0.90 8.95
C THR A 99 3.98 -0.36 8.33
N ILE A 100 4.25 -0.50 7.04
CA ILE A 100 3.86 -1.66 6.26
C ILE A 100 5.13 -2.46 5.98
N THR A 101 5.10 -3.76 6.28
CA THR A 101 6.23 -4.65 6.03
C THR A 101 5.69 -5.99 5.43
N LYS A 102 6.62 -6.89 5.14
CA LYS A 102 6.30 -8.14 4.46
C LYS A 102 5.57 -9.12 5.40
N ALA A 103 4.54 -9.77 4.88
CA ALA A 103 4.00 -11.01 5.45
C ALA A 103 4.50 -12.14 4.54
N ASP A 104 3.76 -12.49 3.48
CA ASP A 104 4.19 -13.53 2.54
C ASP A 104 4.56 -12.86 1.22
N ALA A 105 5.06 -13.64 0.29
CA ALA A 105 5.52 -13.12 -0.96
C ALA A 105 4.32 -12.60 -1.76
N CYS A 106 4.52 -11.39 -2.27
CA CYS A 106 3.57 -10.72 -3.18
C CYS A 106 4.15 -9.37 -3.60
N ASN A 107 3.38 -8.65 -4.41
CA ASN A 107 3.91 -7.50 -5.16
C ASN A 107 2.89 -6.36 -5.21
N LEU A 108 3.31 -5.21 -4.67
CA LEU A 108 2.48 -4.06 -4.38
C LEU A 108 2.50 -3.01 -5.53
N PHE A 109 1.32 -2.66 -6.03
CA PHE A 109 1.24 -1.73 -7.20
C PHE A 109 0.68 -0.33 -6.92
N TYR A 110 -0.11 -0.18 -5.89
CA TYR A 110 -0.81 1.08 -5.61
C TYR A 110 -1.16 1.15 -4.15
N MET A 111 -1.13 2.33 -3.59
CA MET A 111 -1.65 2.51 -2.26
CA MET A 111 -1.45 2.60 -2.17
C MET A 111 -2.25 3.88 -2.04
N GLU A 112 -3.24 3.89 -1.13
CA GLU A 112 -3.96 5.10 -0.78
CA GLU A 112 -4.01 5.08 -0.80
C GLU A 112 -4.25 5.12 0.70
N TYR A 113 -4.15 6.30 1.30
CA TYR A 113 -4.59 6.52 2.66
C TYR A 113 -5.65 7.60 2.60
N ALA A 114 -6.87 7.26 3.00
CA ALA A 114 -8.03 8.19 3.04
C ALA A 114 -8.20 8.62 4.46
N ALA A 115 -7.89 9.87 4.75
CA ALA A 115 -7.89 10.45 6.07
C ALA A 115 -9.20 11.18 6.30
N LEU A 116 -9.87 10.91 7.41
CA LEU A 116 -11.13 11.57 7.74
C LEU A 116 -10.96 13.00 8.20
N GLU A 117 -11.94 13.84 7.89
CA GLU A 117 -11.97 15.18 8.40
C GLU A 117 -12.22 15.18 9.91
N HIS A 118 -11.22 15.54 10.71
CA HIS A 118 -11.48 16.09 12.05
C HIS A 118 -11.91 17.56 11.87
#